data_3QQR
#
_entry.id   3QQR
#
_cell.length_a   55.040
_cell.length_b   72.040
_cell.length_c   88.320
_cell.angle_alpha   90.00
_cell.angle_beta   90.00
_cell.angle_gamma   90.00
#
_symmetry.space_group_name_H-M   'P 21 21 21'
#
loop_
_entity.id
_entity.type
_entity.pdbx_description
1 polymer 'Non-legume hemoglobin'
2 non-polymer 'PROTOPORPHYRIN IX CONTAINING FE'
3 non-polymer '1,4-DIETHYLENE DIOXIDE'
4 water water
#
_entity_poly.entity_id   1
_entity_poly.type   'polypeptide(L)'
_entity_poly.pdbx_seq_one_letter_code
;MSSSEVNKVFTEEQEALVVKAWAVMKKNSAELGLQFFLKIFEIAPSAKNLFSYLKDSPVPLEQNPKLKPHATTVFVMTCE
SAVQLRKAGKVTVKESDLKRIGAIHFKTGVVNEHFEVTRFALLETIKEAVPEMWSPEMKNAWGVAYDQLVAAIKFEMKPS
ST
;
_entity_poly.pdbx_strand_id   A,B
#
loop_
_chem_comp.id
_chem_comp.type
_chem_comp.name
_chem_comp.formula
DIO non-polymer '1,4-DIETHYLENE DIOXIDE' 'C4 H8 O2'
HEM non-polymer 'PROTOPORPHYRIN IX CONTAINING FE' 'C34 H32 Fe N4 O4'
#
# COMPACT_ATOMS: atom_id res chain seq x y z
N VAL A 9 22.61 1.43 -12.87
CA VAL A 9 23.84 1.36 -12.02
C VAL A 9 23.78 2.38 -10.89
N PHE A 10 24.07 1.95 -9.67
CA PHE A 10 24.03 2.85 -8.52
C PHE A 10 25.28 3.76 -8.46
N THR A 11 25.03 5.08 -8.45
CA THR A 11 26.08 6.11 -8.57
C THR A 11 26.54 6.68 -7.23
N GLU A 12 27.73 7.29 -7.25
CA GLU A 12 28.30 7.94 -6.08
C GLU A 12 27.37 9.01 -5.54
N GLU A 13 26.62 9.64 -6.43
CA GLU A 13 25.66 10.68 -6.02
C GLU A 13 24.54 10.07 -5.20
N GLN A 14 23.96 8.96 -5.70
CA GLN A 14 22.87 8.25 -5.03
C GLN A 14 23.34 7.66 -3.68
N GLU A 15 24.59 7.20 -3.66
CA GLU A 15 25.18 6.69 -2.43
C GLU A 15 25.26 7.79 -1.38
N ALA A 16 25.75 8.95 -1.81
CA ALA A 16 25.86 10.14 -0.95
C ALA A 16 24.52 10.50 -0.35
N LEU A 17 23.48 10.46 -1.18
CA LEU A 17 22.12 10.78 -0.73
C LEU A 17 21.60 9.85 0.34
N VAL A 18 21.79 8.56 0.17
CA VAL A 18 21.32 7.58 1.12
C VAL A 18 22.14 7.70 2.41
N VAL A 19 23.47 7.77 2.25
CA VAL A 19 24.38 7.86 3.38
C VAL A 19 24.10 9.06 4.31
N LYS A 20 24.03 10.25 3.73
CA LYS A 20 23.71 11.47 4.48
C LYS A 20 22.30 11.46 5.07
N ALA A 21 21.29 11.12 4.27
CA ALA A 21 19.91 11.04 4.78
C ALA A 21 19.85 10.12 6.00
N TRP A 22 20.49 8.97 5.89
CA TRP A 22 20.47 8.02 6.97
C TRP A 22 21.21 8.63 8.18
N ALA A 23 22.41 9.18 7.94
CA ALA A 23 23.15 9.95 8.95
C ALA A 23 22.27 10.95 9.71
N VAL A 24 21.48 11.74 8.98
CA VAL A 24 20.54 12.67 9.57
C VAL A 24 19.46 11.94 10.36
N MET A 25 18.73 11.05 9.70
CA MET A 25 17.57 10.36 10.29
C MET A 25 17.88 9.49 11.49
N LYS A 26 19.08 8.90 11.47
CA LYS A 26 19.58 7.96 12.47
C LYS A 26 19.60 8.57 13.88
N LYS A 27 19.63 9.91 13.95
CA LYS A 27 19.57 10.62 15.23
C LYS A 27 18.23 10.38 15.97
N ASN A 28 17.15 10.23 15.21
CA ASN A 28 15.81 9.94 15.76
C ASN A 28 15.20 8.62 15.26
N SER A 29 15.99 7.56 15.25
CA SER A 29 15.50 6.28 14.68
C SER A 29 14.34 5.66 15.45
N ALA A 30 14.12 6.10 16.69
CA ALA A 30 13.02 5.59 17.52
C ALA A 30 11.67 6.06 16.96
N GLU A 31 11.51 7.39 16.90
CA GLU A 31 10.39 8.04 16.23
C GLU A 31 10.22 7.52 14.79
N LEU A 32 11.35 7.27 14.11
CA LEU A 32 11.39 6.84 12.71
C LEU A 32 10.86 5.43 12.49
N GLY A 33 11.27 4.51 13.35
CA GLY A 33 10.78 3.15 13.31
C GLY A 33 9.29 3.05 13.56
N LEU A 34 8.79 3.78 14.56
CA LEU A 34 7.37 3.76 14.89
C LEU A 34 6.56 4.27 13.71
N GLN A 35 6.97 5.41 13.16
CA GLN A 35 6.31 6.05 12.01
C GLN A 35 6.21 5.07 10.82
N PHE A 36 7.33 4.41 10.53
CA PHE A 36 7.48 3.41 9.47
C PHE A 36 6.45 2.28 9.59
N PHE A 37 6.41 1.62 10.74
CA PHE A 37 5.41 0.55 10.94
C PHE A 37 3.97 0.97 11.01
N LEU A 38 3.71 2.14 11.59
CA LEU A 38 2.38 2.74 11.55
C LEU A 38 1.92 2.99 10.10
N LYS A 39 2.88 3.30 9.20
CA LYS A 39 2.56 3.52 7.79
C LYS A 39 2.26 2.17 7.14
N ILE A 40 3.09 1.16 7.43
CA ILE A 40 2.88 -0.18 6.90
C ILE A 40 1.47 -0.71 7.25
N PHE A 41 1.05 -0.56 8.50
CA PHE A 41 -0.22 -1.12 8.94
C PHE A 41 -1.41 -0.25 8.65
N GLU A 42 -1.19 1.04 8.40
CA GLU A 42 -2.28 1.90 7.96
C GLU A 42 -2.74 1.47 6.55
N ILE A 43 -1.76 1.11 5.71
CA ILE A 43 -1.96 0.65 4.33
C ILE A 43 -2.50 -0.75 4.28
N ALA A 44 -1.84 -1.65 5.03
CA ALA A 44 -2.23 -3.04 5.02
C ALA A 44 -2.23 -3.62 6.43
N PRO A 45 -3.31 -3.33 7.19
CA PRO A 45 -3.49 -3.83 8.55
C PRO A 45 -3.17 -5.31 8.62
N SER A 46 -3.56 -6.08 7.60
CA SER A 46 -3.38 -7.53 7.61
C SER A 46 -1.93 -7.99 7.52
N ALA A 47 -1.02 -7.07 7.21
CA ALA A 47 0.39 -7.39 7.22
C ALA A 47 0.80 -7.74 8.64
N LYS A 48 0.06 -7.20 9.61
CA LYS A 48 0.24 -7.51 11.03
C LYS A 48 0.28 -9.02 11.24
N ASN A 49 -0.63 -9.73 10.59
CA ASN A 49 -0.71 -11.16 10.73
C ASN A 49 0.60 -11.90 10.49
N LEU A 50 1.42 -11.39 9.56
CA LEU A 50 2.70 -12.02 9.20
C LEU A 50 3.70 -12.15 10.34
N PHE A 51 3.65 -11.21 11.29
CA PHE A 51 4.48 -11.23 12.49
C PHE A 51 3.71 -11.99 13.58
N SER A 52 3.87 -13.32 13.59
CA SER A 52 3.03 -14.22 14.41
C SER A 52 2.89 -13.81 15.87
N TYR A 53 3.94 -13.19 16.40
CA TYR A 53 3.99 -12.72 17.78
C TYR A 53 3.12 -11.49 18.09
N LEU A 54 2.45 -10.95 17.07
CA LEU A 54 1.57 -9.78 17.26
C LEU A 54 0.25 -10.13 17.95
N LYS A 55 -0.34 -11.28 17.61
CA LYS A 55 -1.51 -11.82 18.32
C LYS A 55 -1.30 -11.94 19.82
N PRO A 60 -1.72 -2.04 23.31
CA PRO A 60 -1.49 -2.14 21.87
C PRO A 60 -0.68 -3.39 21.51
N GLU A 62 -0.12 -2.51 18.56
CA GLU A 62 0.93 -2.36 17.55
C GLU A 62 2.24 -1.81 18.14
N GLN A 63 2.41 -1.98 19.45
CA GLN A 63 3.54 -1.40 20.22
C GLN A 63 4.80 -2.28 20.24
N ASN A 64 4.64 -3.52 19.75
CA ASN A 64 5.57 -4.64 19.92
C ASN A 64 7.08 -4.32 19.86
N PRO A 65 7.87 -4.91 20.79
CA PRO A 65 9.33 -4.69 20.90
C PRO A 65 10.09 -5.02 19.62
N LYS A 66 9.79 -6.19 19.05
CA LYS A 66 10.44 -6.73 17.85
C LYS A 66 10.25 -5.88 16.59
N LEU A 67 9.22 -5.04 16.56
CA LEU A 67 8.94 -4.28 15.35
C LEU A 67 9.99 -3.18 15.13
N LYS A 68 10.38 -2.52 16.22
CA LYS A 68 11.41 -1.45 16.17
C LYS A 68 12.78 -1.85 15.53
N PRO A 69 13.37 -3.03 15.92
CA PRO A 69 14.60 -3.40 15.23
C PRO A 69 14.41 -3.80 13.76
N HIS A 70 13.27 -4.41 13.43
CA HIS A 70 12.99 -4.75 12.04
C HIS A 70 13.00 -3.49 11.16
N ALA A 71 12.40 -2.43 11.68
CA ALA A 71 12.38 -1.14 11.03
C ALA A 71 13.78 -0.63 10.79
N THR A 72 14.60 -0.58 11.84
CA THR A 72 15.96 -0.08 11.70
C THR A 72 16.85 -0.98 10.86
N THR A 73 16.62 -2.29 10.89
CA THR A 73 17.38 -3.21 10.06
C THR A 73 17.19 -2.83 8.59
N VAL A 74 15.93 -2.64 8.22
CA VAL A 74 15.53 -2.24 6.87
C VAL A 74 16.29 -0.97 6.51
N PHE A 75 16.27 0.04 7.38
CA PHE A 75 17.03 1.27 7.13
C PHE A 75 18.52 1.05 6.98
N VAL A 76 19.12 0.33 7.93
CA VAL A 76 20.57 0.13 7.96
C VAL A 76 21.04 -0.70 6.78
N MET A 77 20.35 -1.79 6.48
CA MET A 77 20.77 -2.64 5.39
C MET A 77 20.56 -1.96 4.04
N THR A 78 19.52 -1.14 3.92
CA THR A 78 19.29 -0.37 2.71
C THR A 78 20.45 0.60 2.50
N CYS A 79 20.76 1.41 3.50
CA CYS A 79 21.94 2.30 3.44
C CYS A 79 23.25 1.54 3.14
N GLU A 80 23.47 0.42 3.81
CA GLU A 80 24.60 -0.44 3.48
C GLU A 80 24.64 -0.95 2.03
N SER A 81 23.49 -1.32 1.48
CA SER A 81 23.42 -1.75 0.06
C SER A 81 23.85 -0.62 -0.89
N ALA A 82 23.42 0.60 -0.59
CA ALA A 82 23.83 1.81 -1.32
C ALA A 82 25.33 1.93 -1.38
N VAL A 83 25.99 1.76 -0.23
CA VAL A 83 27.43 1.80 -0.12
C VAL A 83 28.09 0.71 -0.94
N GLN A 84 27.59 -0.53 -0.79
CA GLN A 84 28.17 -1.69 -1.47
C GLN A 84 27.96 -1.65 -2.97
N LEU A 85 26.75 -1.25 -3.37
CA LEU A 85 26.39 -1.06 -4.76
C LEU A 85 27.39 -0.11 -5.45
N ARG A 86 27.69 1.03 -4.82
CA ARG A 86 28.65 1.98 -5.39
C ARG A 86 30.07 1.39 -5.38
N LYS A 87 30.45 0.80 -4.24
CA LYS A 87 31.78 0.26 -4.07
C LYS A 87 32.07 -0.94 -5.00
N ALA A 88 31.13 -1.89 -5.08
CA ALA A 88 31.44 -3.16 -5.71
C ALA A 88 30.47 -3.52 -6.81
N GLY A 89 29.45 -2.70 -7.01
CA GLY A 89 28.47 -2.93 -8.09
C GLY A 89 27.43 -3.98 -7.77
N LYS A 90 27.47 -4.53 -6.56
CA LYS A 90 26.46 -5.46 -6.09
C LYS A 90 26.27 -5.34 -4.59
N VAL A 91 25.16 -5.90 -4.10
CA VAL A 91 24.95 -6.11 -2.68
C VAL A 91 25.95 -7.18 -2.27
N THR A 92 26.83 -6.85 -1.34
CA THR A 92 27.87 -7.78 -0.96
C THR A 92 27.65 -8.25 0.47
N VAL A 93 26.40 -8.24 0.92
CA VAL A 93 26.00 -8.90 2.18
C VAL A 93 26.44 -10.36 2.13
N LYS A 94 27.05 -10.82 3.21
CA LYS A 94 27.46 -12.23 3.37
C LYS A 94 26.41 -13.20 2.85
N GLU A 95 26.85 -14.14 2.01
CA GLU A 95 26.02 -15.21 1.45
C GLU A 95 25.08 -15.87 2.47
N SER A 96 25.57 -15.99 3.71
CA SER A 96 24.89 -16.73 4.78
C SER A 96 23.82 -15.92 5.52
N ASP A 97 24.10 -14.63 5.72
CA ASP A 97 23.10 -13.70 6.27
C ASP A 97 21.89 -13.64 5.35
N LEU A 98 22.18 -13.66 4.04
CA LEU A 98 21.19 -13.54 2.96
C LEU A 98 20.30 -14.78 2.84
N LYS A 99 20.92 -15.95 3.00
CA LYS A 99 20.17 -17.21 3.01
C LYS A 99 19.23 -17.26 4.22
N ARG A 100 19.71 -16.78 5.36
CA ARG A 100 18.96 -16.82 6.62
C ARG A 100 17.77 -15.86 6.62
N ILE A 101 17.99 -14.64 6.11
CA ILE A 101 16.94 -13.63 5.99
C ILE A 101 15.93 -14.11 4.95
N GLY A 102 16.46 -14.63 3.84
CA GLY A 102 15.64 -15.12 2.76
C GLY A 102 14.70 -16.24 3.15
N ALA A 103 15.17 -17.15 3.99
CA ALA A 103 14.37 -18.30 4.37
C ALA A 103 13.23 -17.91 5.31
N ILE A 104 13.49 -17.02 6.26
CA ILE A 104 12.44 -16.63 7.20
C ILE A 104 11.29 -15.90 6.50
N HIS A 105 11.63 -15.01 5.57
CA HIS A 105 10.62 -14.27 4.81
C HIS A 105 9.77 -15.17 3.95
N PHE A 106 10.42 -16.13 3.29
CA PHE A 106 9.75 -17.18 2.54
C PHE A 106 8.75 -18.01 3.39
N LYS A 107 9.15 -18.34 4.62
CA LYS A 107 8.35 -19.23 5.46
C LYS A 107 7.22 -18.53 6.24
N THR A 108 7.33 -17.22 6.49
CA THR A 108 6.21 -16.52 7.12
C THR A 108 5.18 -15.99 6.12
N GLY A 109 5.46 -16.15 4.82
CA GLY A 109 4.53 -15.74 3.75
C GLY A 109 4.68 -14.28 3.33
N VAL A 110 5.89 -13.74 3.44
CA VAL A 110 6.14 -12.40 2.94
C VAL A 110 6.14 -12.53 1.42
N VAL A 111 5.21 -11.82 0.78
CA VAL A 111 5.11 -11.87 -0.67
C VAL A 111 5.45 -10.50 -1.28
N ASN A 112 5.41 -10.40 -2.60
CA ASN A 112 5.84 -9.18 -3.25
C ASN A 112 5.12 -7.96 -2.72
N GLU A 113 3.79 -8.08 -2.54
CA GLU A 113 2.96 -6.99 -2.06
C GLU A 113 3.42 -6.46 -0.71
N HIS A 114 3.95 -7.35 0.13
CA HIS A 114 4.50 -6.94 1.42
C HIS A 114 5.77 -6.12 1.28
N PHE A 115 6.72 -6.65 0.52
CA PHE A 115 7.94 -5.88 0.18
C PHE A 115 7.62 -4.54 -0.45
N GLU A 116 6.49 -4.49 -1.15
CA GLU A 116 6.13 -3.37 -1.98
C GLU A 116 5.46 -2.32 -1.14
N VAL A 117 4.55 -2.77 -0.27
CA VAL A 117 3.94 -1.89 0.72
C VAL A 117 5.05 -1.30 1.59
N THR A 118 6.03 -2.11 1.97
CA THR A 118 7.15 -1.64 2.78
C THR A 118 8.03 -0.61 2.08
N ARG A 119 8.34 -0.85 0.81
CA ARG A 119 9.04 0.14 0.03
C ARG A 119 8.28 1.45 0.10
N PHE A 120 6.97 1.41 -0.15
CA PHE A 120 6.16 2.62 -0.19
C PHE A 120 6.12 3.31 1.17
N ALA A 121 5.93 2.50 2.22
CA ALA A 121 5.98 2.99 3.59
C ALA A 121 7.34 3.56 3.91
N LEU A 122 8.42 2.87 3.55
CA LEU A 122 9.77 3.40 3.73
C LEU A 122 9.90 4.78 3.11
N LEU A 123 9.50 4.92 1.85
CA LEU A 123 9.68 6.22 1.18
C LEU A 123 8.87 7.32 1.85
N GLU A 124 7.60 7.05 2.19
CA GLU A 124 6.77 8.01 2.92
C GLU A 124 7.36 8.42 4.24
N THR A 125 7.90 7.44 4.98
CA THR A 125 8.49 7.66 6.30
C THR A 125 9.68 8.59 6.14
N ILE A 126 10.50 8.33 5.12
CA ILE A 126 11.64 9.18 4.82
C ILE A 126 11.19 10.59 4.39
N LYS A 127 10.17 10.69 3.56
CA LYS A 127 9.70 11.99 3.08
C LYS A 127 9.19 12.81 4.26
N GLU A 128 8.50 12.15 5.17
CA GLU A 128 7.98 12.82 6.36
C GLU A 128 9.07 13.18 7.38
N ALA A 129 10.18 12.45 7.35
CA ALA A 129 11.20 12.61 8.38
C ALA A 129 12.20 13.70 8.05
N VAL A 130 12.68 13.67 6.80
CA VAL A 130 13.57 14.72 6.32
C VAL A 130 12.96 15.41 5.10
N PRO A 131 11.76 16.02 5.29
CA PRO A 131 11.08 16.65 4.16
C PRO A 131 12.00 17.67 3.51
N GLU A 132 12.95 18.21 4.29
CA GLU A 132 13.93 19.20 3.81
C GLU A 132 15.04 18.63 2.93
N MET A 133 15.15 17.30 2.86
CA MET A 133 16.13 16.64 1.99
C MET A 133 15.42 15.89 0.89
N TRP A 134 14.10 15.86 0.97
CA TRP A 134 13.29 15.11 0.03
C TRP A 134 13.36 15.70 -1.37
N SER A 135 13.39 14.81 -2.36
CA SER A 135 13.46 15.14 -3.77
C SER A 135 13.25 13.81 -4.47
N PRO A 136 12.94 13.83 -5.79
CA PRO A 136 12.75 12.58 -6.51
C PRO A 136 14.01 11.70 -6.63
N GLU A 137 15.19 12.32 -6.55
CA GLU A 137 16.46 11.58 -6.59
C GLU A 137 16.75 10.91 -5.24
N MET A 138 16.36 11.59 -4.16
CA MET A 138 16.42 11.04 -2.82
C MET A 138 15.52 9.79 -2.74
N LYS A 139 14.29 9.91 -3.23
CA LYS A 139 13.31 8.82 -3.31
C LYS A 139 13.81 7.63 -4.12
N ASN A 140 14.28 7.90 -5.32
CA ASN A 140 14.85 6.87 -6.16
C ASN A 140 16.12 6.22 -5.60
N ALA A 141 17.01 7.00 -4.98
CA ALA A 141 18.25 6.44 -4.42
C ALA A 141 17.89 5.43 -3.33
N TRP A 142 16.97 5.80 -2.45
CA TRP A 142 16.51 4.93 -1.38
C TRP A 142 15.80 3.74 -2.00
N GLY A 143 14.87 4.02 -2.91
CA GLY A 143 14.12 2.98 -3.64
C GLY A 143 14.98 1.95 -4.35
N VAL A 144 16.03 2.38 -5.02
CA VAL A 144 16.92 1.43 -5.72
C VAL A 144 17.81 0.57 -4.81
N ALA A 145 18.41 1.19 -3.80
CA ALA A 145 19.17 0.46 -2.79
C ALA A 145 18.26 -0.62 -2.21
N TYR A 146 17.07 -0.22 -1.74
CA TYR A 146 16.06 -1.17 -1.23
C TYR A 146 15.75 -2.28 -2.24
N ASP A 147 15.38 -1.91 -3.47
CA ASP A 147 15.11 -2.91 -4.51
C ASP A 147 16.23 -3.91 -4.68
N GLN A 148 17.48 -3.44 -4.70
CA GLN A 148 18.61 -4.37 -4.87
C GLN A 148 18.80 -5.29 -3.66
N LEU A 149 18.49 -4.75 -2.49
CA LEU A 149 18.57 -5.49 -1.25
C LEU A 149 17.49 -6.59 -1.30
N VAL A 150 16.26 -6.21 -1.60
CA VAL A 150 15.14 -7.12 -1.75
C VAL A 150 15.43 -8.23 -2.75
N ALA A 151 15.93 -7.88 -3.94
CA ALA A 151 16.32 -8.89 -4.96
C ALA A 151 17.39 -9.84 -4.44
N ALA A 152 18.37 -9.31 -3.69
CA ALA A 152 19.37 -10.20 -3.07
C ALA A 152 18.70 -11.17 -2.11
N ILE A 153 17.72 -10.69 -1.35
CA ILE A 153 16.95 -11.53 -0.42
C ILE A 153 16.01 -12.49 -1.13
N LYS A 154 15.36 -12.04 -2.20
CA LYS A 154 14.37 -12.84 -2.92
C LYS A 154 14.98 -14.04 -3.62
N PHE A 155 16.22 -13.89 -4.07
CA PHE A 155 17.02 -15.01 -4.58
C PHE A 155 17.18 -16.14 -3.54
N GLU A 156 17.17 -15.77 -2.25
CA GLU A 156 17.28 -16.75 -1.16
C GLU A 156 15.93 -17.11 -0.50
N MET A 157 14.84 -16.68 -1.12
CA MET A 157 13.52 -17.07 -0.65
C MET A 157 13.05 -18.32 -1.40
N LYS A 158 13.54 -19.46 -0.92
CA LYS A 158 13.09 -20.78 -1.37
C LYS A 158 13.18 -21.82 -0.24
N PRO A 159 12.70 -23.06 -0.51
CA PRO A 159 12.86 -24.21 0.41
C PRO A 159 14.31 -24.47 0.81
N VAL B 9 -27.03 3.84 13.05
CA VAL B 9 -25.57 3.55 12.82
C VAL B 9 -24.91 4.50 11.79
N PHE B 10 -25.28 4.44 10.51
CA PHE B 10 -24.73 5.37 9.47
C PHE B 10 -25.55 6.67 9.38
N THR B 11 -24.95 7.79 9.77
CA THR B 11 -25.67 9.06 9.94
C THR B 11 -26.02 9.77 8.62
N GLU B 12 -26.97 10.71 8.71
CA GLU B 12 -27.34 11.57 7.59
C GLU B 12 -26.14 12.37 7.12
N GLU B 13 -25.26 12.76 8.05
CA GLU B 13 -24.10 13.54 7.65
C GLU B 13 -23.13 12.68 6.84
N GLN B 14 -22.79 11.52 7.38
CA GLN B 14 -21.91 10.57 6.70
C GLN B 14 -22.36 10.33 5.25
N GLU B 15 -23.64 9.98 5.10
CA GLU B 15 -24.23 9.85 3.78
C GLU B 15 -23.94 11.09 2.91
N ALA B 16 -24.33 12.27 3.41
CA ALA B 16 -24.15 13.54 2.72
C ALA B 16 -22.69 13.76 2.33
N LEU B 17 -21.77 13.43 3.23
CA LEU B 17 -20.33 13.47 2.91
C LEU B 17 -19.96 12.61 1.69
N VAL B 18 -20.30 11.32 1.73
CA VAL B 18 -20.01 10.43 0.60
C VAL B 18 -20.76 10.89 -0.65
N VAL B 19 -22.05 11.13 -0.53
CA VAL B 19 -22.87 11.52 -1.68
C VAL B 19 -22.32 12.81 -2.32
N LYS B 20 -22.00 13.81 -1.50
CA LYS B 20 -21.53 15.08 -2.03
C LYS B 20 -20.11 15.05 -2.57
N ALA B 21 -19.24 14.26 -1.94
CA ALA B 21 -17.90 14.05 -2.48
C ALA B 21 -17.97 13.42 -3.88
N TRP B 22 -18.82 12.40 -4.01
CA TRP B 22 -18.90 11.69 -5.28
C TRP B 22 -19.50 12.56 -6.37
N ALA B 23 -20.62 13.21 -6.05
CA ALA B 23 -21.22 14.17 -6.96
C ALA B 23 -20.12 15.04 -7.57
N VAL B 24 -19.25 15.58 -6.73
CA VAL B 24 -18.14 16.42 -7.16
C VAL B 24 -17.11 15.65 -7.97
N MET B 25 -16.66 14.50 -7.46
CA MET B 25 -15.60 13.73 -8.12
C MET B 25 -16.05 13.11 -9.42
N LYS B 26 -17.33 12.75 -9.46
CA LYS B 26 -18.02 12.13 -10.59
C LYS B 26 -17.68 12.78 -11.93
N LYS B 27 -17.65 14.12 -11.93
CA LYS B 27 -17.32 14.89 -13.14
C LYS B 27 -16.00 14.46 -13.81
N ASN B 28 -14.97 14.28 -13.00
CA ASN B 28 -13.65 13.86 -13.48
C ASN B 28 -13.40 12.36 -13.30
N SER B 29 -14.47 11.58 -13.14
CA SER B 29 -14.32 10.20 -12.64
C SER B 29 -13.30 9.30 -13.39
N ALA B 30 -13.10 9.57 -14.68
CA ALA B 30 -12.21 8.77 -15.51
C ALA B 30 -10.74 9.03 -15.19
N GLU B 31 -10.42 10.26 -14.81
CA GLU B 31 -9.06 10.56 -14.38
C GLU B 31 -8.86 10.08 -12.95
N LEU B 32 -9.91 10.19 -12.16
CA LEU B 32 -9.94 9.71 -10.79
C LEU B 32 -9.75 8.19 -10.69
N GLY B 33 -10.49 7.45 -11.49
CA GLY B 33 -10.35 6.00 -11.61
C GLY B 33 -8.93 5.65 -11.98
N LEU B 34 -8.44 6.25 -13.05
CA LEU B 34 -7.08 6.04 -13.45
C LEU B 34 -6.10 6.32 -12.30
N GLN B 35 -6.28 7.44 -11.60
CA GLN B 35 -5.30 7.90 -10.61
C GLN B 35 -5.30 6.92 -9.43
N PHE B 36 -6.52 6.51 -9.07
CA PHE B 36 -6.82 5.52 -8.05
C PHE B 36 -6.01 4.26 -8.33
N PHE B 37 -6.17 3.71 -9.52
CA PHE B 37 -5.54 2.46 -9.87
C PHE B 37 -4.02 2.62 -9.92
N LEU B 38 -3.54 3.78 -10.35
CA LEU B 38 -2.12 3.99 -10.34
C LEU B 38 -1.57 4.09 -8.92
N LYS B 39 -2.37 4.65 -8.01
CA LYS B 39 -1.94 4.72 -6.63
C LYS B 39 -1.82 3.30 -6.08
N ILE B 40 -2.83 2.49 -6.30
CA ILE B 40 -2.77 1.07 -5.97
C ILE B 40 -1.47 0.43 -6.44
N PHE B 41 -1.16 0.57 -7.73
CA PHE B 41 0.03 -0.08 -8.27
C PHE B 41 1.35 0.59 -7.85
N GLU B 42 1.32 1.82 -7.40
CA GLU B 42 2.51 2.40 -6.84
C GLU B 42 2.82 1.76 -5.47
N ILE B 43 1.75 1.50 -4.72
CA ILE B 43 1.90 0.86 -3.41
C ILE B 43 2.34 -0.57 -3.61
N ALA B 44 1.56 -1.29 -4.39
CA ALA B 44 1.70 -2.72 -4.64
C ALA B 44 1.69 -3.02 -6.15
N PRO B 45 2.83 -2.82 -6.85
CA PRO B 45 2.84 -3.08 -8.31
C PRO B 45 2.46 -4.50 -8.68
N SER B 46 2.78 -5.48 -7.82
CA SER B 46 2.40 -6.87 -8.04
C SER B 46 0.88 -7.16 -8.06
N ALA B 47 0.07 -6.24 -7.56
CA ALA B 47 -1.38 -6.42 -7.69
C ALA B 47 -1.87 -6.36 -9.15
N LYS B 48 -1.02 -5.85 -10.05
CA LYS B 48 -1.28 -5.83 -11.50
C LYS B 48 -1.51 -7.24 -12.00
N ASN B 49 -0.77 -8.17 -11.42
CA ASN B 49 -0.81 -9.54 -11.90
C ASN B 49 -2.11 -10.28 -11.64
N LEU B 50 -2.96 -9.74 -10.76
CA LEU B 50 -4.32 -10.26 -10.55
C LEU B 50 -5.27 -10.06 -11.75
N PHE B 51 -5.02 -9.03 -12.55
CA PHE B 51 -5.90 -8.65 -13.63
C PHE B 51 -5.34 -9.24 -14.91
N SER B 52 -6.06 -10.23 -15.46
CA SER B 52 -5.62 -10.98 -16.65
C SER B 52 -5.40 -10.02 -17.82
N TYR B 53 -6.28 -9.04 -17.91
CA TYR B 53 -6.12 -8.00 -18.90
C TYR B 53 -4.98 -6.99 -18.66
N LEU B 54 -4.23 -7.11 -17.57
CA LEU B 54 -3.09 -6.18 -17.38
C LEU B 54 -1.68 -6.80 -17.60
N LYS B 55 -1.58 -7.76 -18.53
CA LYS B 55 -0.26 -8.22 -18.99
C LYS B 55 -0.09 -8.31 -20.51
N SER B 57 0.77 -5.96 -23.09
CA SER B 57 0.59 -4.67 -22.46
C SER B 57 1.69 -3.69 -22.90
N VAL B 59 -0.65 0.31 -22.25
CA VAL B 59 0.60 0.52 -21.51
C VAL B 59 1.68 1.15 -22.40
N LEU B 61 1.04 1.76 -18.81
CA LEU B 61 0.10 1.53 -17.72
C LEU B 61 -0.62 2.81 -17.36
N GLU B 62 0.14 3.90 -17.21
CA GLU B 62 -0.42 5.25 -17.06
C GLU B 62 -1.41 5.56 -18.19
N GLN B 63 -1.26 4.87 -19.31
CA GLN B 63 -1.99 5.14 -20.55
C GLN B 63 -3.11 4.15 -20.86
N ASN B 64 -3.32 3.16 -19.99
CA ASN B 64 -4.14 1.99 -20.32
C ASN B 64 -5.60 2.16 -19.85
N PRO B 65 -6.54 2.38 -20.80
CA PRO B 65 -7.95 2.65 -20.47
C PRO B 65 -8.67 1.51 -19.78
N LYS B 66 -8.12 0.30 -19.86
CA LYS B 66 -8.68 -0.87 -19.18
C LYS B 66 -8.63 -0.73 -17.64
N LEU B 67 -7.83 0.22 -17.14
CA LEU B 67 -7.86 0.59 -15.72
C LEU B 67 -9.19 1.26 -15.26
N LYS B 68 -9.90 1.91 -16.16
CA LYS B 68 -11.14 2.65 -15.79
C LYS B 68 -12.32 1.85 -15.20
N PRO B 69 -12.71 0.72 -15.83
CA PRO B 69 -13.96 0.16 -15.33
C PRO B 69 -13.91 -0.34 -13.87
N HIS B 70 -12.83 -1.02 -13.49
CA HIS B 70 -12.81 -1.53 -12.13
C HIS B 70 -12.69 -0.44 -11.07
N ALA B 71 -11.82 0.55 -11.31
CA ALA B 71 -11.56 1.63 -10.32
C ALA B 71 -12.80 2.49 -10.11
N THR B 72 -13.45 2.85 -11.22
CA THR B 72 -14.74 3.52 -11.24
C THR B 72 -15.85 2.80 -10.51
N THR B 73 -15.99 1.51 -10.79
CA THR B 73 -17.00 0.73 -10.13
C THR B 73 -16.84 0.80 -8.61
N VAL B 74 -15.61 0.75 -8.13
CA VAL B 74 -15.31 0.86 -6.71
C VAL B 74 -15.92 2.14 -6.13
N PHE B 75 -15.67 3.29 -6.77
CA PHE B 75 -16.25 4.56 -6.32
C PHE B 75 -17.75 4.48 -6.30
N VAL B 76 -18.33 4.14 -7.45
CA VAL B 76 -19.78 4.13 -7.63
C VAL B 76 -20.46 3.26 -6.58
N MET B 77 -19.93 2.05 -6.41
CA MET B 77 -20.54 1.11 -5.48
C MET B 77 -20.43 1.52 -4.02
N THR B 78 -19.28 2.06 -3.65
CA THR B 78 -19.09 2.66 -2.32
C THR B 78 -20.09 3.80 -2.07
N CYS B 79 -20.26 4.69 -3.04
CA CYS B 79 -21.24 5.77 -2.86
C CYS B 79 -22.66 5.24 -2.64
N GLU B 80 -23.07 4.29 -3.48
CA GLU B 80 -24.38 3.64 -3.39
C GLU B 80 -24.51 2.92 -2.06
N SER B 81 -23.40 2.39 -1.54
CA SER B 81 -23.43 1.73 -0.23
C SER B 81 -23.82 2.69 0.89
N ALA B 82 -23.38 3.94 0.76
CA ALA B 82 -23.67 4.99 1.72
C ALA B 82 -25.16 5.32 1.75
N VAL B 83 -25.80 5.27 0.60
CA VAL B 83 -27.22 5.59 0.52
C VAL B 83 -28.01 4.46 1.18
N GLN B 84 -27.64 3.23 0.82
CA GLN B 84 -28.33 2.05 1.32
C GLN B 84 -28.20 1.90 2.83
N LEU B 85 -26.97 2.01 3.35
CA LEU B 85 -26.73 2.05 4.79
C LEU B 85 -27.58 3.12 5.48
N ARG B 86 -27.66 4.31 4.90
CA ARG B 86 -28.48 5.38 5.47
C ARG B 86 -29.98 5.05 5.48
N LYS B 87 -30.55 4.80 4.29
CA LYS B 87 -31.96 4.46 4.14
C LYS B 87 -32.39 3.14 4.80
N ALA B 88 -31.51 2.14 4.85
CA ALA B 88 -31.92 0.78 5.26
C ALA B 88 -31.06 0.11 6.33
N GLY B 89 -30.00 0.78 6.77
CA GLY B 89 -29.11 0.20 7.78
C GLY B 89 -28.19 -0.90 7.30
N LYS B 90 -28.30 -1.30 6.04
CA LYS B 90 -27.43 -2.34 5.48
C LYS B 90 -27.16 -2.20 3.98
N VAL B 91 -26.03 -2.74 3.56
CA VAL B 91 -25.71 -2.84 2.14
C VAL B 91 -26.69 -3.83 1.49
N THR B 92 -27.29 -3.40 0.39
CA THR B 92 -28.25 -4.22 -0.32
C THR B 92 -27.89 -4.21 -1.81
N VAL B 93 -26.82 -4.90 -2.18
CA VAL B 93 -26.53 -5.10 -3.60
C VAL B 93 -27.37 -6.29 -4.08
N LYS B 94 -27.80 -6.24 -5.35
CA LYS B 94 -28.48 -7.34 -6.03
C LYS B 94 -27.67 -8.61 -5.87
N GLU B 95 -28.35 -9.71 -5.53
CA GLU B 95 -27.67 -11.00 -5.32
C GLU B 95 -26.83 -11.41 -6.53
N SER B 96 -27.48 -11.52 -7.69
CA SER B 96 -26.81 -11.88 -8.95
C SER B 96 -25.49 -11.12 -9.24
N ASP B 97 -25.38 -9.89 -8.72
CA ASP B 97 -24.15 -9.11 -8.90
C ASP B 97 -23.13 -9.43 -7.81
N LEU B 98 -23.59 -9.45 -6.56
CA LEU B 98 -22.74 -9.70 -5.39
C LEU B 98 -22.04 -11.08 -5.43
N LYS B 99 -22.80 -12.11 -5.77
CA LYS B 99 -22.27 -13.47 -5.87
C LYS B 99 -21.26 -13.57 -7.02
N ARG B 100 -21.51 -12.81 -8.08
CA ARG B 100 -20.59 -12.77 -9.21
C ARG B 100 -19.30 -11.99 -8.90
N ILE B 101 -19.40 -10.93 -8.10
CA ILE B 101 -18.22 -10.17 -7.70
C ILE B 101 -17.37 -11.03 -6.78
N GLY B 102 -18.00 -11.64 -5.78
CA GLY B 102 -17.39 -12.61 -4.88
C GLY B 102 -16.60 -13.67 -5.65
N ALA B 103 -17.31 -14.44 -6.45
CA ALA B 103 -16.73 -15.52 -7.26
C ALA B 103 -15.45 -15.11 -7.98
N ILE B 104 -15.46 -13.99 -8.69
CA ILE B 104 -14.27 -13.61 -9.44
C ILE B 104 -13.13 -13.08 -8.54
N HIS B 105 -13.50 -12.43 -7.45
CA HIS B 105 -12.49 -11.96 -6.50
C HIS B 105 -11.81 -13.15 -5.87
N PHE B 106 -12.63 -14.13 -5.57
CA PHE B 106 -12.13 -15.36 -5.02
C PHE B 106 -11.12 -15.99 -5.96
N LYS B 107 -11.56 -16.26 -7.19
CA LYS B 107 -10.77 -17.06 -8.12
C LYS B 107 -9.49 -16.41 -8.66
N THR B 108 -9.46 -15.06 -8.70
CA THR B 108 -8.26 -14.34 -9.15
C THR B 108 -7.16 -14.27 -8.09
N GLY B 109 -7.56 -14.45 -6.84
CA GLY B 109 -6.60 -14.45 -5.74
C GLY B 109 -6.55 -13.13 -4.97
N VAL B 110 -7.65 -12.37 -4.98
CA VAL B 110 -7.72 -11.15 -4.17
C VAL B 110 -7.64 -11.49 -2.67
N VAL B 111 -6.76 -10.80 -1.94
CA VAL B 111 -6.67 -11.01 -0.48
C VAL B 111 -6.88 -9.72 0.25
N ASN B 112 -7.01 -9.82 1.56
CA ASN B 112 -7.22 -8.66 2.40
C ASN B 112 -6.29 -7.53 2.07
N GLU B 113 -5.00 -7.83 1.88
CA GLU B 113 -4.04 -6.76 1.70
C GLU B 113 -4.41 -5.94 0.46
N HIS B 114 -4.95 -6.63 -0.55
CA HIS B 114 -5.47 -5.99 -1.76
C HIS B 114 -6.61 -5.04 -1.45
N PHE B 115 -7.62 -5.50 -0.72
CA PHE B 115 -8.72 -4.63 -0.26
C PHE B 115 -8.23 -3.45 0.57
N GLU B 116 -7.17 -3.70 1.34
CA GLU B 116 -6.59 -2.69 2.24
C GLU B 116 -5.74 -1.66 1.51
N VAL B 117 -4.83 -2.11 0.64
CA VAL B 117 -4.10 -1.22 -0.25
C VAL B 117 -5.13 -0.36 -1.06
N THR B 118 -6.18 -1.01 -1.55
CA THR B 118 -7.24 -0.31 -2.27
C THR B 118 -7.97 0.76 -1.45
N ARG B 119 -8.36 0.42 -0.23
CA ARG B 119 -8.93 1.40 0.68
C ARG B 119 -8.01 2.59 0.88
N PHE B 120 -6.74 2.32 1.12
CA PHE B 120 -5.77 3.36 1.38
C PHE B 120 -5.67 4.28 0.14
N ALA B 121 -5.53 3.66 -1.02
CA ALA B 121 -5.43 4.34 -2.31
C ALA B 121 -6.67 5.18 -2.60
N LEU B 122 -7.84 4.62 -2.30
CA LEU B 122 -9.12 5.32 -2.49
C LEU B 122 -9.14 6.61 -1.67
N LEU B 123 -8.84 6.47 -0.40
CA LEU B 123 -8.90 7.60 0.49
C LEU B 123 -7.85 8.63 0.10
N GLU B 124 -6.62 8.19 -0.19
CA GLU B 124 -5.60 9.10 -0.69
C GLU B 124 -6.06 9.79 -1.97
N THR B 125 -6.68 9.03 -2.87
CA THR B 125 -7.26 9.57 -4.11
C THR B 125 -8.36 10.61 -3.84
N ILE B 126 -9.19 10.38 -2.83
CA ILE B 126 -10.25 11.34 -2.50
C ILE B 126 -9.63 12.60 -1.87
N LYS B 127 -8.69 12.40 -0.95
CA LYS B 127 -7.99 13.49 -0.29
C LYS B 127 -7.36 14.41 -1.32
N GLU B 128 -6.62 13.83 -2.27
CA GLU B 128 -6.08 14.56 -3.41
C GLU B 128 -7.12 15.08 -4.39
N ALA B 129 -8.30 14.46 -4.50
CA ALA B 129 -9.27 14.97 -5.49
C ALA B 129 -10.10 16.16 -4.98
N VAL B 130 -10.60 16.09 -3.75
CA VAL B 130 -11.30 17.21 -3.13
C VAL B 130 -10.64 17.57 -1.78
N PRO B 131 -9.45 18.21 -1.83
CA PRO B 131 -8.79 18.54 -0.54
C PRO B 131 -9.62 19.49 0.31
N GLU B 132 -10.45 20.29 -0.35
CA GLU B 132 -11.34 21.26 0.29
C GLU B 132 -12.45 20.58 1.12
N MET B 133 -12.90 19.41 0.67
CA MET B 133 -13.91 18.66 1.43
C MET B 133 -13.27 17.65 2.36
N TRP B 134 -11.95 17.51 2.30
CA TRP B 134 -11.30 16.53 3.15
C TRP B 134 -11.32 16.96 4.62
N SER B 135 -11.48 15.97 5.48
CA SER B 135 -11.70 16.15 6.90
C SER B 135 -11.68 14.74 7.47
N PRO B 136 -11.40 14.59 8.77
CA PRO B 136 -11.55 13.28 9.37
C PRO B 136 -12.94 12.65 9.10
N GLU B 137 -13.99 13.47 9.10
CA GLU B 137 -15.33 12.96 8.82
C GLU B 137 -15.45 12.42 7.41
N MET B 138 -14.88 13.14 6.44
CA MET B 138 -14.91 12.72 5.05
C MET B 138 -14.23 11.34 4.86
N LYS B 139 -12.99 11.22 5.35
CA LYS B 139 -12.26 9.96 5.37
C LYS B 139 -13.06 8.87 6.04
N ASN B 140 -13.66 9.17 7.18
CA ASN B 140 -14.40 8.17 7.93
C ASN B 140 -15.65 7.69 7.20
N ALA B 141 -16.40 8.62 6.61
CA ALA B 141 -17.67 8.29 5.98
C ALA B 141 -17.42 7.34 4.79
N TRP B 142 -16.40 7.64 3.99
CA TRP B 142 -16.01 6.77 2.90
C TRP B 142 -15.42 5.47 3.40
N GLY B 143 -14.62 5.57 4.45
CA GLY B 143 -13.96 4.42 5.06
C GLY B 143 -14.99 3.37 5.33
N VAL B 144 -16.10 3.81 5.94
CA VAL B 144 -17.18 2.94 6.42
C VAL B 144 -18.06 2.44 5.32
N ALA B 145 -18.41 3.30 4.35
CA ALA B 145 -19.17 2.81 3.20
C ALA B 145 -18.36 1.71 2.48
N TYR B 146 -17.05 1.89 2.41
CA TYR B 146 -16.18 0.93 1.72
C TYR B 146 -16.12 -0.41 2.47
N ASP B 147 -15.80 -0.32 3.75
CA ASP B 147 -15.71 -1.52 4.58
C ASP B 147 -16.99 -2.31 4.53
N GLN B 148 -18.12 -1.63 4.67
CA GLN B 148 -19.42 -2.30 4.63
C GLN B 148 -19.69 -3.04 3.32
N LEU B 149 -19.25 -2.46 2.20
CA LEU B 149 -19.36 -3.12 0.89
C LEU B 149 -18.37 -4.26 0.74
N VAL B 150 -17.15 -4.03 1.21
CA VAL B 150 -16.09 -5.03 1.16
C VAL B 150 -16.59 -6.26 1.94
N ALA B 151 -17.21 -6.00 3.10
CA ALA B 151 -17.83 -7.03 3.93
C ALA B 151 -18.89 -7.81 3.15
N ALA B 152 -19.81 -7.12 2.47
CA ALA B 152 -20.80 -7.85 1.65
C ALA B 152 -20.16 -8.65 0.50
N ILE B 153 -19.14 -8.09 -0.13
CA ILE B 153 -18.45 -8.84 -1.20
C ILE B 153 -17.70 -10.05 -0.64
N LYS B 154 -16.95 -9.86 0.45
CA LYS B 154 -16.16 -10.93 1.06
C LYS B 154 -17.03 -12.16 1.38
N PHE B 155 -18.22 -11.91 1.92
CA PHE B 155 -19.18 -12.98 2.24
C PHE B 155 -19.47 -13.88 1.04
N GLU B 156 -19.42 -13.30 -0.17
CA GLU B 156 -19.59 -14.09 -1.39
C GLU B 156 -18.29 -14.51 -2.09
N MET B 157 -17.15 -14.27 -1.42
CA MET B 157 -15.85 -14.70 -1.96
C MET B 157 -15.62 -16.12 -1.51
N LYS B 158 -16.13 -17.05 -2.32
CA LYS B 158 -16.15 -18.47 -1.98
C LYS B 158 -16.31 -19.26 -3.29
N PRO B 159 -15.87 -20.53 -3.30
CA PRO B 159 -15.93 -21.31 -4.56
C PRO B 159 -17.36 -21.47 -5.03
CHA HEM C . 12.59 -10.86 9.93
CHB HEM C . 15.39 -8.04 7.20
CHC HEM C . 11.39 -7.09 4.61
CHD HEM C . 8.47 -9.24 7.84
C1A HEM C . 13.70 -10.21 9.44
C2A HEM C . 15.09 -10.30 9.93
C3A HEM C . 15.86 -9.51 9.17
C4A HEM C . 15.01 -8.90 8.18
CMA HEM C . 17.39 -9.28 9.28
CAA HEM C . 15.60 -11.16 11.11
CBA HEM C . 14.62 -12.31 11.35
CGA HEM C . 15.27 -13.63 11.69
O1A HEM C . 16.42 -13.94 11.20
O2A HEM C . 14.60 -14.38 12.46
C1B HEM C . 14.55 -7.54 6.25
C2B HEM C . 14.92 -6.61 5.20
C3B HEM C . 13.82 -6.34 4.48
C4B HEM C . 12.70 -7.09 5.06
CMB HEM C . 16.38 -6.08 5.03
CAB HEM C . 13.68 -5.40 3.26
CBB HEM C . 14.73 -4.76 2.73
C1C HEM C . 10.25 -7.53 5.27
C2C HEM C . 8.86 -7.36 4.86
C3C HEM C . 8.05 -7.94 5.74
C4C HEM C . 8.90 -8.53 6.76
CMC HEM C . 8.40 -6.61 3.60
CAC HEM C . 6.51 -8.01 5.74
CBC HEM C . 5.81 -6.88 5.94
C1D HEM C . 9.31 -9.99 8.64
C2D HEM C . 8.87 -11.02 9.55
C3D HEM C . 10.17 -11.53 10.20
C4D HEM C . 11.25 -10.75 9.62
CMD HEM C . 7.44 -11.50 9.79
CAD HEM C . 10.24 -12.64 11.25
CBD HEM C . 10.03 -12.01 12.63
CGD HEM C . 10.04 -13.09 13.71
O1D HEM C . 10.49 -12.81 14.86
O2D HEM C . 9.59 -14.25 13.43
NA HEM C . 13.72 -9.35 8.38
NB HEM C . 13.19 -7.81 6.13
NC HEM C . 10.22 -8.26 6.44
ND HEM C . 10.69 -9.86 8.71
FE HEM C . 11.95 -8.80 7.40
C1 DIO D . 6.32 10.40 -4.60
C2 DIO D . 4.83 11.07 -2.83
C1' DIO D . 7.31 10.79 -3.52
C2' DIO D . 5.82 12.12 -2.32
O1 DIO D . 5.02 10.88 -4.24
O1' DIO D . 7.00 12.10 -3.11
C1 DIO E . 10.75 5.55 -8.92
C2 DIO E . 10.74 5.57 -6.58
C1' DIO E . 11.30 4.18 -8.56
C2' DIO E . 12.07 4.89 -6.42
O1 DIO E . 10.88 6.37 -7.74
O1' DIO E . 12.43 4.34 -7.69
C1 DIO F . 9.58 -5.16 -3.60
C2 DIO F . 10.52 -3.06 -3.62
C1' DIO F . 10.65 -5.81 -4.41
C2' DIO F . 11.80 -3.75 -3.93
O1 DIO F . 9.55 -3.88 -4.18
O1' DIO F . 11.41 -4.70 -4.91
C1 DIO G . 28.52 6.15 -11.62
C2 DIO G . 28.91 8.44 -10.99
C1' DIO G . 29.41 5.63 -10.48
C2' DIO G . 29.56 7.90 -9.72
O1 DIO G . 28.94 7.45 -12.03
O1' DIO G . 30.24 6.67 -9.96
CHA HEM H . -13.71 -7.85 -10.57
CHB HEM H . -16.00 -4.65 -7.87
CHC HEM H . -12.14 -4.73 -4.94
CHD HEM H . -9.50 -7.08 -8.19
C1A HEM H . -14.66 -6.98 -10.10
C2A HEM H . -15.94 -6.73 -10.72
C3A HEM H . -16.59 -5.84 -9.96
C4A HEM H . -15.72 -5.53 -8.86
CMA HEM H . -18.00 -5.21 -10.16
CAA HEM H . -16.40 -7.43 -12.03
CBA HEM H . -17.28 -8.62 -11.65
CGA HEM H . -17.25 -9.67 -12.74
O1A HEM H . -16.16 -10.00 -13.28
O2A HEM H . -18.34 -10.20 -13.08
C1B HEM H . -15.16 -4.44 -6.82
C2B HEM H . -15.44 -3.61 -5.67
C3B HEM H . -14.36 -3.64 -4.88
C4B HEM H . -13.36 -4.48 -5.51
CMB HEM H . -16.78 -2.87 -5.44
CAB HEM H . -14.17 -2.93 -3.52
CBB HEM H . -15.26 -2.44 -2.88
C1C HEM H . -11.07 -5.31 -5.58
C2C HEM H . -9.71 -5.32 -5.11
C3C HEM H . -8.98 -5.97 -6.01
C4C HEM H . -9.85 -6.38 -7.08
CMC HEM H . -9.20 -4.72 -3.80
CAC HEM H . -7.45 -6.26 -5.95
CBC HEM H . -6.58 -5.24 -6.01
C1D HEM H . -10.43 -7.56 -9.09
C2D HEM H . -10.10 -8.47 -10.13
C3D HEM H . -11.42 -8.71 -10.86
C4D HEM H . -12.40 -7.92 -10.19
CMD HEM H . -8.73 -9.13 -10.43
CAD HEM H . -11.64 -9.62 -12.06
CBD HEM H . -11.14 -8.81 -13.25
CGD HEM H . -11.03 -9.76 -14.41
O1D HEM H . -12.02 -9.78 -15.19
O2D HEM H . -10.01 -10.49 -14.55
NA HEM H . -14.55 -6.23 -8.96
NB HEM H . -13.88 -4.96 -6.71
NC HEM H . -11.13 -5.96 -6.80
ND HEM H . -11.79 -7.23 -9.17
FE HEM H . -12.89 -6.10 -7.94
C1 DIO I . -4.10 10.36 6.68
C2 DIO I . -6.06 11.54 7.30
C1' DIO I . -3.87 11.25 5.48
C2' DIO I . -5.66 12.57 6.26
O1 DIO I . -5.49 10.28 6.90
O1' DIO I . -5.13 11.84 5.17
#